data_8XWN
#
_entry.id   8XWN
#
_cell.length_a   1.00
_cell.length_b   1.00
_cell.length_c   1.00
_cell.angle_alpha   90.00
_cell.angle_beta   90.00
_cell.angle_gamma   90.00
#
_symmetry.space_group_name_H-M   'P 1'
#
loop_
_entity.id
_entity.type
_entity.pdbx_description
1 polymer 'C-X-C chemokine receptor type 2'
2 polymer MDNCF-a
#
loop_
_entity_poly.entity_id
_entity_poly.type
_entity_poly.pdbx_seq_one_letter_code
_entity_poly.pdbx_strand_id
1 'polypeptide(L)'
;MGKTIIALSYIFCLVFADYKDDDDAANFTPVNGSSGNQSVRLVTSSSLEVLFQGPGSEDFNMESDSFEDFWKGEDLSNYS
YSSTLPPFLLDAAPCEPESLEINKYFVVIIYALVFLLSLLGNSLVMLVILYSRVGRSVTDVYLLNLALADLLFALTLPIW
AASKVNGWIFGTFLCKVVSLLKEVNFYSGILLLACISVDRYLAIVHATRTLTQKRYLVKFICLSIWGLSLLLALPVLLFR
RTVYSSNVSPACYEDMGNNTANWRMLLRILPQSFGFIVPLLIMLFCYGFTLRTLFKAHMGQKHRAMRVIFAVVLIFLLCW
LPYNLVLLADTLMRTQVIQETCERRNHIDRALDATEILGILHSCLNPLIYAFIGQKFRHGLLKILAIHGLISKDSLPKDS
RPSFVGSSSGHTSTTL
;
R
2 'polypeptide(L)' EGAVLPRSAKELRCQCIKTYSKPFHPKFIKELRVIESGPHCANTEIIVKLSDGRELCLDPKENWVQRVVEKFLKRAENS D,E
#
# COMPACT_ATOMS: atom_id res chain seq x y z
N THR A 84 30.41 -12.84 32.70
CA THR A 84 29.09 -12.80 33.31
C THR A 84 28.64 -11.37 33.58
N LEU A 85 28.63 -10.55 32.54
CA LEU A 85 28.24 -9.15 32.62
C LEU A 85 26.99 -8.92 31.77
N PRO A 86 26.01 -8.16 32.26
CA PRO A 86 24.83 -7.89 31.44
C PRO A 86 25.22 -7.29 30.10
N PRO A 87 24.66 -7.78 28.99
CA PRO A 87 25.08 -7.27 27.67
C PRO A 87 24.81 -5.78 27.50
N PHE A 88 23.74 -5.26 28.10
CA PHE A 88 23.35 -3.87 27.94
C PHE A 88 22.63 -3.69 26.61
N LEU A 89 22.09 -2.49 26.37
CA LEU A 89 21.40 -2.18 25.12
C LEU A 89 22.07 -0.96 24.49
N LEU A 90 22.42 -1.07 23.21
CA LEU A 90 23.17 -0.04 22.50
C LEU A 90 22.50 0.22 21.15
N ASP A 91 21.19 0.41 21.18
CA ASP A 91 20.29 0.74 20.07
C ASP A 91 19.87 -0.49 19.26
N ALA A 92 20.31 -1.70 19.62
CA ALA A 92 19.87 -2.91 18.96
C ALA A 92 18.58 -3.41 19.60
N ALA A 93 17.50 -2.69 19.30
CA ALA A 93 16.20 -2.97 19.87
C ALA A 93 15.15 -3.02 18.76
N PRO A 94 14.08 -3.80 18.95
CA PRO A 94 13.03 -3.86 17.91
C PRO A 94 12.32 -2.53 17.77
N CYS A 95 12.17 -2.08 16.53
CA CYS A 95 11.44 -0.85 16.21
C CYS A 95 9.96 -1.18 16.13
N GLU A 96 9.21 -0.86 17.18
CA GLU A 96 7.79 -1.18 17.24
C GLU A 96 6.96 -0.07 16.62
N PRO A 97 6.02 -0.38 15.73
CA PRO A 97 5.21 0.67 15.12
C PRO A 97 4.30 1.34 16.14
N GLU A 98 3.94 2.58 15.83
CA GLU A 98 3.06 3.39 16.67
C GLU A 98 1.66 3.41 16.06
N SER A 99 0.65 3.19 16.91
CA SER A 99 -0.74 3.13 16.48
C SER A 99 -1.52 4.27 17.12
N LEU A 100 -2.42 4.86 16.34
CA LEU A 100 -3.29 5.92 16.81
C LEU A 100 -4.70 5.69 16.29
N GLU A 101 -5.68 6.23 17.01
CA GLU A 101 -7.08 6.04 16.67
C GLU A 101 -7.73 7.29 16.09
N ILE A 102 -7.21 8.48 16.40
CA ILE A 102 -7.77 9.71 15.82
C ILE A 102 -7.63 9.66 14.30
N ASN A 103 -6.46 9.25 13.82
CA ASN A 103 -6.25 9.12 12.39
C ASN A 103 -7.27 8.18 11.76
N LYS A 104 -7.68 7.14 12.49
CA LYS A 104 -8.66 6.21 11.96
C LYS A 104 -9.99 6.90 11.70
N TYR A 105 -10.50 7.63 12.70
CA TYR A 105 -11.78 8.31 12.55
C TYR A 105 -11.70 9.37 11.44
N PHE A 106 -10.61 10.13 11.42
CA PHE A 106 -10.44 11.14 10.37
C PHE A 106 -10.41 10.50 9.00
N VAL A 107 -9.70 9.37 8.86
CA VAL A 107 -9.62 8.68 7.57
C VAL A 107 -11.00 8.22 7.14
N VAL A 108 -11.78 7.68 8.08
CA VAL A 108 -13.14 7.22 7.74
C VAL A 108 -13.96 8.38 7.24
N ILE A 109 -13.92 9.51 7.94
CA ILE A 109 -14.73 10.66 7.53
C ILE A 109 -14.31 11.15 6.16
N ILE A 110 -13.00 11.26 5.93
CA ILE A 110 -12.50 11.76 4.64
C ILE A 110 -12.91 10.82 3.52
N TYR A 111 -12.77 9.51 3.74
CA TYR A 111 -13.12 8.55 2.71
C TYR A 111 -14.62 8.58 2.41
N ALA A 112 -15.46 8.70 3.43
CA ALA A 112 -16.90 8.79 3.18
C ALA A 112 -17.24 10.04 2.40
N LEU A 113 -16.67 11.18 2.78
CA LEU A 113 -16.94 12.43 2.06
C LEU A 113 -16.49 12.31 0.61
N VAL A 114 -15.29 11.77 0.38
CA VAL A 114 -14.78 11.60 -0.98
C VAL A 114 -15.69 10.66 -1.78
N PHE A 115 -16.11 9.55 -1.16
CA PHE A 115 -17.01 8.63 -1.85
C PHE A 115 -18.27 9.35 -2.31
N LEU A 116 -18.93 10.07 -1.40
CA LEU A 116 -20.18 10.74 -1.76
C LEU A 116 -19.95 11.77 -2.86
N LEU A 117 -18.91 12.60 -2.71
CA LEU A 117 -18.68 13.65 -3.70
C LEU A 117 -18.38 13.06 -5.06
N SER A 118 -17.50 12.05 -5.12
CA SER A 118 -17.17 11.44 -6.41
C SER A 118 -18.40 10.78 -7.03
N LEU A 119 -19.19 10.07 -6.24
CA LEU A 119 -20.38 9.44 -6.77
C LEU A 119 -21.30 10.48 -7.40
N LEU A 120 -21.61 11.54 -6.66
CA LEU A 120 -22.54 12.55 -7.18
C LEU A 120 -21.97 13.20 -8.43
N GLY A 121 -20.71 13.63 -8.38
CA GLY A 121 -20.14 14.35 -9.52
C GLY A 121 -20.08 13.49 -10.78
N ASN A 122 -19.60 12.26 -10.63
CA ASN A 122 -19.47 11.39 -11.80
C ASN A 122 -20.84 11.01 -12.34
N SER A 123 -21.82 10.78 -11.46
CA SER A 123 -23.16 10.49 -11.94
C SER A 123 -23.73 11.67 -12.71
N LEU A 124 -23.51 12.90 -12.22
CA LEU A 124 -24.01 14.07 -12.95
C LEU A 124 -23.32 14.21 -14.30
N VAL A 125 -22.01 13.98 -14.35
CA VAL A 125 -21.29 14.10 -15.63
C VAL A 125 -21.82 13.06 -16.61
N MET A 126 -21.98 11.82 -16.16
CA MET A 126 -22.50 10.78 -17.04
C MET A 126 -23.89 11.13 -17.54
N LEU A 127 -24.76 11.59 -16.64
CA LEU A 127 -26.12 11.94 -17.04
C LEU A 127 -26.12 13.08 -18.07
N VAL A 128 -25.31 14.10 -17.83
CA VAL A 128 -25.26 15.23 -18.76
C VAL A 128 -24.79 14.79 -20.13
N ILE A 129 -23.74 13.95 -20.18
CA ILE A 129 -23.22 13.56 -21.48
C ILE A 129 -24.20 12.63 -22.19
N LEU A 130 -24.81 11.68 -21.47
CA LEU A 130 -25.61 10.65 -22.10
C LEU A 130 -27.05 11.06 -22.34
N TYR A 131 -27.52 12.17 -21.76
CA TYR A 131 -28.92 12.55 -21.96
C TYR A 131 -29.20 12.91 -23.41
N SER A 132 -28.28 13.62 -24.06
CA SER A 132 -28.45 14.05 -25.44
C SER A 132 -27.31 13.50 -26.29
N ARG A 133 -27.66 12.87 -27.41
CA ARG A 133 -26.67 12.32 -28.33
C ARG A 133 -26.21 13.34 -29.37
N VAL A 134 -26.72 14.57 -29.32
CA VAL A 134 -26.35 15.60 -30.28
C VAL A 134 -25.05 16.25 -29.84
N GLY A 135 -24.14 16.48 -30.79
CA GLY A 135 -22.88 17.13 -30.48
C GLY A 135 -21.96 16.31 -29.60
N ARG A 136 -21.87 15.01 -29.83
CA ARG A 136 -20.97 14.14 -29.06
C ARG A 136 -19.60 14.22 -29.71
N SER A 137 -18.71 15.02 -29.12
CA SER A 137 -17.38 15.24 -29.67
C SER A 137 -16.37 14.31 -28.99
N VAL A 138 -15.11 14.44 -29.40
CA VAL A 138 -14.05 13.61 -28.83
C VAL A 138 -13.92 13.84 -27.34
N THR A 139 -13.96 15.10 -26.92
CA THR A 139 -13.83 15.40 -25.49
C THR A 139 -14.96 14.76 -24.70
N ASP A 140 -16.15 14.65 -25.30
CA ASP A 140 -17.25 14.01 -24.61
C ASP A 140 -16.94 12.53 -24.33
N VAL A 141 -16.39 11.84 -25.32
CA VAL A 141 -16.04 10.43 -25.13
C VAL A 141 -14.97 10.30 -24.07
N TYR A 142 -13.94 11.14 -24.13
CA TYR A 142 -12.88 11.07 -23.14
C TYR A 142 -13.42 11.32 -21.74
N LEU A 143 -14.30 12.31 -21.59
CA LEU A 143 -14.87 12.61 -20.29
C LEU A 143 -15.77 11.49 -19.80
N LEU A 144 -16.50 10.84 -20.71
CA LEU A 144 -17.31 9.69 -20.31
C LEU A 144 -16.44 8.58 -19.75
N ASN A 145 -15.35 8.25 -20.44
CA ASN A 145 -14.46 7.20 -19.95
C ASN A 145 -13.85 7.58 -18.60
N LEU A 146 -13.41 8.84 -18.48
CA LEU A 146 -12.83 9.29 -17.22
C LEU A 146 -13.84 9.23 -16.09
N ALA A 147 -15.08 9.61 -16.37
CA ALA A 147 -16.13 9.56 -15.36
C ALA A 147 -16.39 8.13 -14.92
N LEU A 148 -16.43 7.19 -15.86
CA LEU A 148 -16.62 5.80 -15.49
C LEU A 148 -15.49 5.31 -14.59
N ALA A 149 -14.25 5.62 -14.96
CA ALA A 149 -13.11 5.19 -14.14
C ALA A 149 -13.20 5.76 -12.73
N ASP A 150 -13.45 7.07 -12.63
CA ASP A 150 -13.53 7.70 -11.31
C ASP A 150 -14.68 7.14 -10.50
N LEU A 151 -15.82 6.87 -11.14
CA LEU A 151 -16.96 6.31 -10.43
C LEU A 151 -16.64 4.95 -9.86
N LEU A 152 -15.96 4.10 -10.65
CA LEU A 152 -15.59 2.79 -10.13
C LEU A 152 -14.61 2.90 -8.98
N PHE A 153 -13.63 3.81 -9.09
CA PHE A 153 -12.68 4.03 -8.00
C PHE A 153 -13.41 4.43 -6.72
N ALA A 154 -14.31 5.41 -6.83
CA ALA A 154 -15.07 5.86 -5.66
C ALA A 154 -15.93 4.74 -5.10
N LEU A 155 -16.56 3.95 -5.96
CA LEU A 155 -17.37 2.82 -5.53
C LEU A 155 -16.56 1.79 -4.77
N THR A 156 -15.30 1.59 -5.13
CA THR A 156 -14.42 0.70 -4.37
C THR A 156 -13.90 1.32 -3.07
N LEU A 157 -13.85 2.64 -2.96
CA LEU A 157 -13.26 3.26 -1.78
C LEU A 157 -13.80 2.75 -0.44
N PRO A 158 -15.12 2.62 -0.23
CA PRO A 158 -15.61 2.34 1.13
C PRO A 158 -15.02 1.08 1.78
N ILE A 159 -14.86 0.01 1.01
CA ILE A 159 -14.26 -1.20 1.57
C ILE A 159 -12.82 -0.93 1.96
N TRP A 160 -12.13 -0.09 1.20
CA TRP A 160 -10.78 0.32 1.57
C TRP A 160 -10.78 1.08 2.88
N ALA A 161 -11.76 1.96 3.09
CA ALA A 161 -11.85 2.68 4.35
C ALA A 161 -12.07 1.71 5.51
N ALA A 162 -12.97 0.74 5.33
CA ALA A 162 -13.21 -0.24 6.39
C ALA A 162 -11.94 -1.03 6.69
N SER A 163 -11.21 -1.43 5.64
CA SER A 163 -9.96 -2.14 5.83
C SER A 163 -8.96 -1.30 6.62
N LYS A 164 -8.82 -0.03 6.27
CA LYS A 164 -7.97 0.87 7.05
C LYS A 164 -8.41 0.89 8.50
N VAL A 165 -9.72 0.87 8.75
CA VAL A 165 -10.22 0.90 10.12
C VAL A 165 -9.76 -0.34 10.88
N ASN A 166 -9.98 -1.52 10.31
CA ASN A 166 -9.76 -2.76 11.05
C ASN A 166 -9.00 -3.81 10.26
N GLY A 167 -8.15 -3.42 9.32
CA GLY A 167 -7.41 -4.39 8.53
C GLY A 167 -8.33 -5.21 7.65
N TRP A 168 -7.71 -6.03 6.82
CA TRP A 168 -8.46 -6.82 5.84
C TRP A 168 -9.02 -8.06 6.53
N ILE A 169 -10.33 -8.08 6.74
CA ILE A 169 -11.04 -9.22 7.28
C ILE A 169 -11.96 -9.86 6.25
N PHE A 170 -11.98 -9.34 5.03
CA PHE A 170 -12.98 -9.71 4.05
C PHE A 170 -12.60 -10.91 3.20
N GLY A 171 -11.39 -11.43 3.34
CA GLY A 171 -10.98 -12.63 2.64
C GLY A 171 -10.04 -12.34 1.49
N THR A 172 -9.49 -13.44 0.94
CA THR A 172 -8.51 -13.33 -0.14
C THR A 172 -9.17 -12.96 -1.46
N PHE A 173 -10.30 -13.58 -1.79
CA PHE A 173 -10.94 -13.32 -3.07
C PHE A 173 -11.34 -11.86 -3.21
N LEU A 174 -11.94 -11.28 -2.16
CA LEU A 174 -12.30 -9.87 -2.21
C LEU A 174 -11.05 -9.00 -2.29
N CYS A 175 -9.99 -9.34 -1.56
CA CYS A 175 -8.75 -8.60 -1.70
C CYS A 175 -8.30 -8.55 -3.15
N LYS A 176 -8.24 -9.70 -3.81
CA LYS A 176 -7.81 -9.73 -5.20
C LYS A 176 -8.72 -8.90 -6.08
N VAL A 177 -10.03 -9.12 -5.99
CA VAL A 177 -10.97 -8.47 -6.91
C VAL A 177 -10.96 -6.96 -6.71
N VAL A 178 -11.04 -6.52 -5.45
CA VAL A 178 -11.08 -5.10 -5.16
C VAL A 178 -9.78 -4.43 -5.59
N SER A 179 -8.63 -5.05 -5.29
CA SER A 179 -7.38 -4.45 -5.69
C SER A 179 -7.27 -4.36 -7.21
N LEU A 180 -7.72 -5.39 -7.92
CA LEU A 180 -7.72 -5.33 -9.38
C LEU A 180 -8.56 -4.17 -9.88
N LEU A 181 -9.78 -4.03 -9.36
CA LEU A 181 -10.64 -2.96 -9.82
C LEU A 181 -10.01 -1.60 -9.55
N LYS A 182 -9.48 -1.42 -8.33
CA LYS A 182 -8.91 -0.14 -7.95
C LYS A 182 -7.73 0.23 -8.85
N GLU A 183 -6.81 -0.72 -9.06
CA GLU A 183 -5.62 -0.40 -9.84
C GLU A 183 -5.96 -0.21 -11.31
N VAL A 184 -6.90 -1.00 -11.84
CA VAL A 184 -7.34 -0.81 -13.22
C VAL A 184 -7.89 0.58 -13.41
N ASN A 185 -8.76 1.02 -12.48
CA ASN A 185 -9.36 2.34 -12.62
C ASN A 185 -8.33 3.44 -12.45
N PHE A 186 -7.37 3.25 -11.55
CA PHE A 186 -6.31 4.25 -11.37
C PHE A 186 -5.50 4.43 -12.65
N TYR A 187 -5.02 3.32 -13.21
CA TYR A 187 -4.26 3.39 -14.45
C TYR A 187 -5.08 4.00 -15.57
N SER A 188 -6.36 3.60 -15.68
CA SER A 188 -7.22 4.13 -16.73
C SER A 188 -7.38 5.64 -16.58
N GLY A 189 -7.60 6.11 -15.36
CA GLY A 189 -7.75 7.55 -15.16
C GLY A 189 -6.50 8.32 -15.55
N ILE A 190 -5.34 7.84 -15.13
CA ILE A 190 -4.10 8.55 -15.46
C ILE A 190 -3.90 8.58 -16.96
N LEU A 191 -4.06 7.42 -17.62
CA LEU A 191 -3.81 7.37 -19.05
C LEU A 191 -4.85 8.17 -19.83
N LEU A 192 -6.07 8.26 -19.32
CA LEU A 192 -7.08 9.09 -19.97
C LEU A 192 -6.75 10.57 -19.82
N LEU A 193 -6.20 10.97 -18.68
CA LEU A 193 -5.73 12.35 -18.56
C LEU A 193 -4.65 12.63 -19.59
N ALA A 194 -3.70 11.70 -19.75
CA ALA A 194 -2.66 11.88 -20.75
C ALA A 194 -3.26 11.98 -22.16
N CYS A 195 -4.24 11.13 -22.47
CA CYS A 195 -4.86 11.15 -23.78
C CYS A 195 -5.60 12.46 -24.03
N ILE A 196 -6.29 12.98 -23.01
CA ILE A 196 -6.95 14.27 -23.15
C ILE A 196 -5.92 15.37 -23.42
N SER A 197 -4.78 15.30 -22.73
CA SER A 197 -3.74 16.28 -22.97
C SER A 197 -3.26 16.21 -24.42
N VAL A 198 -3.04 15.01 -24.94
CA VAL A 198 -2.60 14.86 -26.33
C VAL A 198 -3.67 15.40 -27.27
N ASP A 199 -4.94 15.12 -26.98
CA ASP A 199 -6.03 15.60 -27.82
C ASP A 199 -6.04 17.12 -27.89
N ARG A 200 -5.89 17.78 -26.73
CA ARG A 200 -5.86 19.24 -26.73
C ARG A 200 -4.64 19.76 -27.48
N TYR A 201 -3.49 19.12 -27.31
CA TYR A 201 -2.30 19.52 -28.05
C TYR A 201 -2.57 19.49 -29.55
N LEU A 202 -3.15 18.40 -30.04
CA LEU A 202 -3.45 18.31 -31.48
C LEU A 202 -4.49 19.34 -31.89
N ALA A 203 -5.47 19.61 -31.03
CA ALA A 203 -6.56 20.48 -31.42
C ALA A 203 -6.13 21.94 -31.47
N ILE A 204 -5.12 22.32 -30.70
CA ILE A 204 -4.70 23.71 -30.64
C ILE A 204 -3.43 23.94 -31.47
N VAL A 205 -2.35 23.24 -31.12
CA VAL A 205 -1.06 23.52 -31.74
C VAL A 205 -1.11 23.25 -33.24
N HIS A 206 -1.71 22.12 -33.63
CA HIS A 206 -1.82 21.71 -35.03
C HIS A 206 -3.22 21.94 -35.58
N ALA A 207 -3.85 23.06 -35.21
CA ALA A 207 -5.25 23.27 -35.56
C ALA A 207 -5.45 23.27 -37.08
N THR A 208 -4.57 23.94 -37.80
CA THR A 208 -4.73 24.09 -39.24
C THR A 208 -4.10 22.97 -40.04
N ARG A 209 -3.22 22.16 -39.45
CA ARG A 209 -2.52 21.12 -40.18
C ARG A 209 -3.44 19.92 -40.40
N THR A 210 -2.93 18.94 -41.15
CA THR A 210 -3.67 17.72 -41.46
C THR A 210 -3.55 16.67 -40.37
N LEU A 211 -2.68 16.88 -39.37
CA LEU A 211 -2.55 15.91 -38.30
C LEU A 211 -3.77 15.91 -37.39
N THR A 212 -4.47 17.05 -37.29
CA THR A 212 -5.62 17.14 -36.41
C THR A 212 -6.69 16.11 -36.74
N GLN A 213 -6.74 15.64 -37.99
CA GLN A 213 -7.72 14.65 -38.41
C GLN A 213 -7.49 13.30 -37.76
N LYS A 214 -6.35 13.08 -37.11
CA LYS A 214 -6.02 11.80 -36.51
C LYS A 214 -6.56 11.65 -35.09
N ARG A 215 -7.34 12.62 -34.61
CA ARG A 215 -7.90 12.58 -33.27
C ARG A 215 -9.34 12.07 -33.25
N TYR A 216 -9.86 11.60 -34.38
CA TYR A 216 -11.19 11.02 -34.45
C TYR A 216 -11.20 9.52 -34.17
N LEU A 217 -10.14 9.00 -33.55
CA LEU A 217 -10.04 7.59 -33.16
C LEU A 217 -10.26 7.41 -31.66
N VAL A 218 -11.19 8.17 -31.09
CA VAL A 218 -11.35 8.18 -29.63
C VAL A 218 -11.73 6.79 -29.12
N LYS A 219 -12.65 6.12 -29.82
CA LYS A 219 -13.14 4.83 -29.32
C LYS A 219 -12.01 3.82 -29.22
N PHE A 220 -11.23 3.68 -30.29
CA PHE A 220 -10.14 2.70 -30.29
C PHE A 220 -9.07 3.07 -29.27
N ILE A 221 -8.74 4.36 -29.16
CA ILE A 221 -7.72 4.78 -28.21
C ILE A 221 -8.17 4.47 -26.78
N CYS A 222 -9.43 4.78 -26.46
CA CYS A 222 -9.94 4.48 -25.13
C CYS A 222 -9.93 2.97 -24.86
N LEU A 223 -10.35 2.18 -25.84
CA LEU A 223 -10.33 0.73 -25.66
C LEU A 223 -8.91 0.23 -25.42
N SER A 224 -7.94 0.76 -26.16
CA SER A 224 -6.55 0.37 -25.97
C SER A 224 -6.05 0.77 -24.59
N ILE A 225 -6.43 1.95 -24.12
CA ILE A 225 -6.02 2.38 -22.79
C ILE A 225 -6.60 1.45 -21.72
N TRP A 226 -7.87 1.09 -21.86
CA TRP A 226 -8.47 0.16 -20.91
C TRP A 226 -7.75 -1.18 -20.94
N GLY A 227 -7.45 -1.68 -22.13
CA GLY A 227 -6.72 -2.94 -22.23
C GLY A 227 -5.35 -2.88 -21.59
N LEU A 228 -4.63 -1.78 -21.82
CA LEU A 228 -3.30 -1.63 -21.22
C LEU A 228 -3.41 -1.57 -19.70
N SER A 229 -4.42 -0.87 -19.18
CA SER A 229 -4.61 -0.83 -17.73
C SER A 229 -4.88 -2.22 -17.18
N LEU A 230 -5.73 -2.99 -17.86
CA LEU A 230 -6.01 -4.36 -17.41
C LEU A 230 -4.74 -5.20 -17.44
N LEU A 231 -3.92 -5.03 -18.47
CA LEU A 231 -2.66 -5.77 -18.53
C LEU A 231 -1.74 -5.40 -17.37
N LEU A 232 -1.62 -4.11 -17.08
CA LEU A 232 -0.72 -3.64 -16.04
C LEU A 232 -1.22 -3.96 -14.63
N ALA A 233 -2.51 -4.21 -14.47
CA ALA A 233 -3.08 -4.51 -13.17
C ALA A 233 -3.05 -6.01 -12.83
N LEU A 234 -2.53 -6.84 -13.72
CA LEU A 234 -2.49 -8.28 -13.49
C LEU A 234 -1.67 -8.65 -12.26
N PRO A 235 -0.48 -8.08 -12.06
CA PRO A 235 0.33 -8.47 -10.91
C PRO A 235 -0.40 -8.36 -9.59
N VAL A 236 -1.25 -7.34 -9.45
CA VAL A 236 -2.07 -7.22 -8.25
C VAL A 236 -2.98 -8.43 -8.10
N LEU A 237 -3.63 -8.84 -9.18
CA LEU A 237 -4.54 -9.98 -9.11
C LEU A 237 -3.77 -11.26 -8.77
N LEU A 238 -2.61 -11.47 -9.38
CA LEU A 238 -1.94 -12.76 -9.26
C LEU A 238 -1.29 -12.94 -7.90
N PHE A 239 -0.65 -11.91 -7.36
CA PHE A 239 0.28 -12.04 -6.25
C PHE A 239 -0.23 -11.40 -4.96
N ARG A 240 -1.54 -11.31 -4.78
CA ARG A 240 -2.11 -10.68 -3.59
C ARG A 240 -2.95 -11.69 -2.81
N ARG A 241 -2.94 -11.54 -1.49
CA ARG A 241 -3.72 -12.37 -0.58
C ARG A 241 -3.74 -11.69 0.78
N THR A 242 -4.22 -12.41 1.79
CA THR A 242 -4.27 -11.90 3.15
C THR A 242 -3.02 -12.36 3.88
N VAL A 243 -2.29 -11.40 4.45
CA VAL A 243 -1.07 -11.67 5.21
C VAL A 243 -1.38 -11.39 6.68
N TYR A 244 -1.11 -12.39 7.52
CA TYR A 244 -1.31 -12.30 8.96
C TYR A 244 0.05 -12.10 9.61
N SER A 245 0.31 -10.89 10.07
CA SER A 245 1.53 -10.57 10.78
C SER A 245 1.26 -10.51 12.28
N SER A 246 2.31 -10.26 13.06
CA SER A 246 2.21 -10.21 14.50
C SER A 246 2.02 -8.80 15.03
N ASN A 247 2.88 -7.86 14.61
CA ASN A 247 2.80 -6.50 15.14
C ASN A 247 1.62 -5.74 14.55
N VAL A 248 1.06 -6.21 13.43
CA VAL A 248 0.05 -5.47 12.69
C VAL A 248 -1.15 -6.37 12.42
N SER A 249 -2.29 -5.73 12.16
CA SER A 249 -3.52 -6.42 11.82
C SER A 249 -3.40 -7.01 10.41
N PRO A 250 -4.26 -7.96 10.03
CA PRO A 250 -4.12 -8.61 8.73
C PRO A 250 -4.22 -7.59 7.60
N ALA A 251 -3.45 -7.83 6.54
CA ALA A 251 -3.36 -6.89 5.44
C ALA A 251 -3.55 -7.60 4.10
N CYS A 252 -4.28 -6.95 3.20
CA CYS A 252 -4.39 -7.41 1.82
C CYS A 252 -3.10 -7.05 1.09
N TYR A 253 -2.10 -7.91 1.28
CA TYR A 253 -0.74 -7.66 0.87
C TYR A 253 -0.36 -8.58 -0.29
N GLU A 254 0.90 -8.52 -0.70
CA GLU A 254 1.44 -9.39 -1.75
C GLU A 254 2.27 -10.50 -1.10
N ASP A 255 2.09 -11.72 -1.60
CA ASP A 255 2.82 -12.90 -1.11
C ASP A 255 3.49 -13.55 -2.31
N MET A 256 4.69 -13.10 -2.63
CA MET A 256 5.46 -13.61 -3.75
C MET A 256 6.56 -14.57 -3.32
N GLY A 257 6.58 -14.98 -2.05
CA GLY A 257 7.50 -15.97 -1.55
C GLY A 257 8.40 -15.38 -0.48
N ASN A 258 9.44 -16.16 -0.14
CA ASN A 258 10.37 -15.73 0.89
C ASN A 258 11.04 -14.41 0.54
N ASN A 259 11.19 -14.12 -0.76
CA ASN A 259 11.83 -12.90 -1.23
C ASN A 259 10.82 -11.85 -1.66
N THR A 260 9.70 -11.75 -0.94
CA THR A 260 8.60 -10.91 -1.39
C THR A 260 8.98 -9.44 -1.43
N ALA A 261 9.85 -8.98 -0.53
CA ALA A 261 10.17 -7.56 -0.47
C ALA A 261 10.79 -7.08 -1.77
N ASN A 262 11.76 -7.82 -2.30
CA ASN A 262 12.44 -7.41 -3.52
C ASN A 262 11.49 -7.42 -4.72
N TRP A 263 10.66 -8.45 -4.83
CA TRP A 263 9.71 -8.51 -5.93
C TRP A 263 8.70 -7.37 -5.83
N ARG A 264 8.27 -7.02 -4.62
CA ARG A 264 7.37 -5.88 -4.46
C ARG A 264 8.05 -4.58 -4.88
N MET A 265 9.31 -4.41 -4.50
CA MET A 265 10.04 -3.21 -4.91
C MET A 265 10.13 -3.14 -6.44
N LEU A 266 10.41 -4.26 -7.09
CA LEU A 266 10.45 -4.27 -8.55
C LEU A 266 9.09 -3.93 -9.15
N LEU A 267 8.03 -4.58 -8.64
CA LEU A 267 6.69 -4.35 -9.18
C LEU A 267 6.27 -2.89 -8.99
N ARG A 268 6.84 -2.21 -8.00
CA ARG A 268 6.54 -0.79 -7.84
C ARG A 268 7.04 0.05 -9.01
N ILE A 269 7.88 -0.51 -9.88
CA ILE A 269 8.38 0.26 -11.02
C ILE A 269 7.24 0.62 -11.97
N LEU A 270 6.29 -0.28 -12.17
CA LEU A 270 5.20 -0.02 -13.10
C LEU A 270 4.34 1.18 -12.67
N PRO A 271 3.83 1.24 -11.44
CA PRO A 271 3.02 2.41 -11.06
C PRO A 271 3.77 3.72 -11.15
N GLN A 272 5.08 3.72 -10.93
CA GLN A 272 5.87 4.95 -10.94
C GLN A 272 6.40 5.31 -12.33
N SER A 273 6.26 4.42 -13.31
CA SER A 273 6.72 4.67 -14.67
C SER A 273 5.57 4.91 -15.64
N PHE A 274 4.61 3.98 -15.70
CA PHE A 274 3.42 4.15 -16.52
C PHE A 274 2.29 4.86 -15.76
N GLY A 275 2.55 5.30 -14.52
CA GLY A 275 1.54 5.99 -13.75
C GLY A 275 1.91 7.40 -13.38
N PHE A 276 3.20 7.69 -13.20
CA PHE A 276 3.62 9.05 -12.88
C PHE A 276 4.52 9.66 -13.93
N ILE A 277 5.63 8.99 -14.28
CA ILE A 277 6.67 9.63 -15.08
C ILE A 277 6.19 9.83 -16.51
N VAL A 278 5.71 8.77 -17.16
CA VAL A 278 5.29 8.87 -18.55
C VAL A 278 4.11 9.81 -18.72
N PRO A 279 3.01 9.66 -17.98
CA PRO A 279 1.92 10.64 -18.09
C PRO A 279 2.36 12.05 -17.75
N LEU A 280 3.21 12.20 -16.74
CA LEU A 280 3.66 13.55 -16.37
C LEU A 280 4.44 14.20 -17.50
N LEU A 281 5.36 13.46 -18.12
CA LEU A 281 6.12 14.03 -19.23
C LEU A 281 5.22 14.36 -20.40
N ILE A 282 4.29 13.46 -20.74
CA ILE A 282 3.39 13.72 -21.85
C ILE A 282 2.57 14.98 -21.60
N MET A 283 2.00 15.09 -20.40
CA MET A 283 1.19 16.25 -20.06
C MET A 283 2.01 17.53 -20.08
N LEU A 284 3.22 17.49 -19.49
CA LEU A 284 4.04 18.69 -19.47
C LEU A 284 4.38 19.14 -20.88
N PHE A 285 4.82 18.22 -21.73
CA PHE A 285 5.14 18.58 -23.12
C PHE A 285 3.93 19.18 -23.82
N CYS A 286 2.80 18.47 -23.79
CA CYS A 286 1.63 18.90 -24.54
C CYS A 286 1.13 20.25 -24.04
N TYR A 287 1.00 20.41 -22.73
CA TYR A 287 0.44 21.64 -22.20
C TYR A 287 1.43 22.80 -22.32
N GLY A 288 2.73 22.54 -22.25
CA GLY A 288 3.69 23.60 -22.48
C GLY A 288 3.60 24.15 -23.89
N PHE A 289 3.55 23.26 -24.88
CA PHE A 289 3.43 23.73 -26.25
C PHE A 289 2.07 24.39 -26.50
N THR A 290 1.02 23.86 -25.88
CA THR A 290 -0.30 24.49 -26.00
C THR A 290 -0.28 25.90 -25.45
N LEU A 291 0.33 26.10 -24.27
CA LEU A 291 0.42 27.43 -23.70
C LEU A 291 1.28 28.34 -24.58
N ARG A 292 2.35 27.80 -25.15
CA ARG A 292 3.20 28.63 -26.01
C ARG A 292 2.41 29.11 -27.23
N THR A 293 1.59 28.24 -27.82
CA THR A 293 0.78 28.67 -28.95
C THR A 293 -0.31 29.65 -28.52
N LEU A 294 -0.93 29.41 -27.37
CA LEU A 294 -2.01 30.30 -26.92
C LEU A 294 -1.49 31.70 -26.60
N PHE A 295 -0.33 31.80 -25.96
CA PHE A 295 0.20 33.11 -25.59
C PHE A 295 0.47 33.97 -26.82
N LYS A 296 0.73 33.35 -27.96
CA LYS A 296 1.06 34.06 -29.19
C LYS A 296 -0.17 34.49 -29.97
N ALA A 297 -1.34 33.94 -29.67
CA ALA A 297 -2.56 34.23 -30.41
C ALA A 297 -3.15 35.56 -29.94
N HIS A 298 -4.22 35.98 -30.62
CA HIS A 298 -4.89 37.24 -30.34
C HIS A 298 -6.34 37.05 -29.91
N MET A 299 -6.73 35.86 -29.50
CA MET A 299 -8.13 35.62 -29.14
C MET A 299 -8.47 36.33 -27.84
N GLY A 300 -9.77 36.48 -27.60
CA GLY A 300 -10.23 37.05 -26.34
C GLY A 300 -10.34 36.04 -25.22
N GLN A 301 -10.28 34.76 -25.56
CA GLN A 301 -10.43 33.69 -24.57
C GLN A 301 -9.10 33.01 -24.22
N LYS A 302 -7.97 33.59 -24.61
CA LYS A 302 -6.69 32.96 -24.32
C LYS A 302 -6.46 32.84 -22.81
N HIS A 303 -6.80 33.89 -22.06
CA HIS A 303 -6.46 33.92 -20.65
C HIS A 303 -7.15 32.79 -19.90
N ARG A 304 -8.44 32.58 -20.13
CA ARG A 304 -9.16 31.55 -19.39
C ARG A 304 -8.61 30.16 -19.72
N ALA A 305 -8.31 29.90 -20.99
CA ALA A 305 -7.73 28.61 -21.35
C ALA A 305 -6.38 28.40 -20.69
N MET A 306 -5.54 29.44 -20.66
CA MET A 306 -4.25 29.32 -19.99
C MET A 306 -4.43 29.02 -18.50
N ARG A 307 -5.35 29.73 -17.84
CA ARG A 307 -5.58 29.48 -16.43
C ARG A 307 -6.08 28.06 -16.20
N VAL A 308 -6.96 27.58 -17.07
CA VAL A 308 -7.46 26.21 -16.93
C VAL A 308 -6.33 25.21 -17.08
N ILE A 309 -5.44 25.42 -18.06
CA ILE A 309 -4.33 24.50 -18.24
C ILE A 309 -3.43 24.50 -17.01
N PHE A 310 -3.11 25.68 -16.48
CA PHE A 310 -2.29 25.75 -15.29
C PHE A 310 -2.96 25.04 -14.12
N ALA A 311 -4.27 25.25 -13.96
CA ALA A 311 -4.99 24.60 -12.86
C ALA A 311 -4.95 23.09 -13.00
N VAL A 312 -5.13 22.58 -14.22
CA VAL A 312 -5.10 21.13 -14.42
C VAL A 312 -3.72 20.58 -14.07
N VAL A 313 -2.66 21.22 -14.56
CA VAL A 313 -1.32 20.72 -14.30
C VAL A 313 -1.01 20.76 -12.81
N LEU A 314 -1.34 21.87 -12.14
CA LEU A 314 -1.06 21.97 -10.71
C LEU A 314 -1.88 20.98 -9.90
N ILE A 315 -3.13 20.73 -10.31
CA ILE A 315 -3.94 19.75 -9.61
C ILE A 315 -3.32 18.36 -9.73
N PHE A 316 -2.90 18.00 -10.95
CA PHE A 316 -2.27 16.69 -11.14
C PHE A 316 -1.02 16.57 -10.28
N LEU A 317 -0.18 17.60 -10.28
CA LEU A 317 1.04 17.54 -9.49
C LEU A 317 0.72 17.42 -8.00
N LEU A 318 -0.12 18.32 -7.48
CA LEU A 318 -0.47 18.26 -6.07
C LEU A 318 -1.04 16.90 -5.69
N CYS A 319 -1.79 16.27 -6.59
CA CYS A 319 -2.43 15.01 -6.26
C CYS A 319 -1.43 13.85 -6.24
N TRP A 320 -0.51 13.80 -7.21
CA TRP A 320 0.28 12.59 -7.41
C TRP A 320 1.75 12.71 -7.05
N LEU A 321 2.34 13.90 -7.09
CA LEU A 321 3.77 14.02 -6.80
C LEU A 321 4.12 13.60 -5.39
N PRO A 322 3.40 14.03 -4.34
CA PRO A 322 3.83 13.65 -2.98
C PRO A 322 3.83 12.15 -2.75
N TYR A 323 2.82 11.44 -3.24
CA TYR A 323 2.76 10.00 -3.01
C TYR A 323 3.93 9.30 -3.68
N ASN A 324 4.24 9.68 -4.92
CA ASN A 324 5.37 9.06 -5.61
C ASN A 324 6.70 9.43 -4.95
N LEU A 325 6.84 10.66 -4.48
CA LEU A 325 8.07 11.04 -3.78
C LEU A 325 8.26 10.19 -2.53
N VAL A 326 7.20 10.01 -1.74
CA VAL A 326 7.32 9.21 -0.52
C VAL A 326 7.59 7.74 -0.87
N LEU A 327 6.97 7.25 -1.94
CA LEU A 327 7.22 5.87 -2.36
C LEU A 327 8.68 5.68 -2.76
N LEU A 328 9.24 6.64 -3.50
CA LEU A 328 10.64 6.55 -3.87
C LEU A 328 11.54 6.65 -2.63
N ALA A 329 11.17 7.48 -1.67
CA ALA A 329 11.94 7.56 -0.43
C ALA A 329 11.93 6.22 0.29
N ASP A 330 10.77 5.56 0.36
CA ASP A 330 10.70 4.24 0.98
C ASP A 330 11.55 3.24 0.23
N THR A 331 11.48 3.25 -1.11
CA THR A 331 12.27 2.32 -1.90
C THR A 331 13.76 2.52 -1.66
N LEU A 332 14.19 3.78 -1.57
CA LEU A 332 15.59 4.06 -1.27
C LEU A 332 15.97 3.61 0.13
N MET A 333 15.08 3.79 1.09
CA MET A 333 15.36 3.38 2.46
C MET A 333 15.55 1.87 2.55
N ARG A 334 14.68 1.11 1.89
CA ARG A 334 14.81 -0.34 1.92
C ARG A 334 16.12 -0.80 1.30
N THR A 335 16.55 -0.18 0.22
CA THR A 335 17.74 -0.57 -0.51
C THR A 335 19.03 -0.13 0.19
N GLN A 336 18.92 0.59 1.31
CA GLN A 336 20.04 1.09 2.10
C GLN A 336 20.80 2.21 1.41
N VAL A 337 20.27 2.75 0.31
CA VAL A 337 20.87 3.95 -0.28
C VAL A 337 20.85 5.09 0.73
N ILE A 338 19.75 5.20 1.48
CA ILE A 338 19.65 6.13 2.59
C ILE A 338 19.65 5.32 3.88
N GLN A 339 20.14 5.96 4.94
CA GLN A 339 20.21 5.28 6.24
C GLN A 339 18.80 4.96 6.74
N GLU A 340 18.70 3.86 7.50
CA GLU A 340 17.44 3.36 8.01
C GLU A 340 17.41 3.48 9.53
N THR A 341 16.33 4.04 10.06
CA THR A 341 16.16 4.17 11.49
C THR A 341 14.67 4.14 11.81
N CYS A 342 14.34 3.85 13.07
CA CYS A 342 12.93 3.75 13.46
C CYS A 342 12.19 5.07 13.25
N GLU A 343 12.82 6.20 13.59
CA GLU A 343 12.18 7.49 13.39
C GLU A 343 11.79 7.68 11.93
N ARG A 344 12.73 7.42 11.03
CA ARG A 344 12.46 7.61 9.61
C ARG A 344 11.38 6.65 9.12
N ARG A 345 11.38 5.42 9.62
CA ARG A 345 10.35 4.47 9.23
C ARG A 345 8.97 4.95 9.63
N ASN A 346 8.83 5.43 10.87
CA ASN A 346 7.55 5.93 11.33
C ASN A 346 7.12 7.16 10.52
N HIS A 347 8.07 8.06 10.26
CA HIS A 347 7.74 9.25 9.47
C HIS A 347 7.29 8.85 8.07
N ILE A 348 7.95 7.87 7.46
CA ILE A 348 7.59 7.43 6.12
C ILE A 348 6.19 6.82 6.13
N ASP A 349 5.87 6.02 7.14
CA ASP A 349 4.54 5.44 7.21
C ASP A 349 3.47 6.53 7.32
N ARG A 350 3.70 7.51 8.19
CA ARG A 350 2.74 8.60 8.36
C ARG A 350 2.59 9.38 7.05
N ALA A 351 3.71 9.68 6.40
CA ALA A 351 3.67 10.41 5.13
C ALA A 351 2.93 9.62 4.07
N LEU A 352 3.15 8.30 4.02
CA LEU A 352 2.45 7.47 3.05
C LEU A 352 0.95 7.54 3.27
N ASP A 353 0.51 7.44 4.52
CA ASP A 353 -0.93 7.52 4.80
C ASP A 353 -1.48 8.87 4.36
N ALA A 354 -0.81 9.96 4.77
CA ALA A 354 -1.31 11.29 4.44
C ALA A 354 -1.35 11.50 2.93
N THR A 355 -0.31 11.06 2.22
CA THR A 355 -0.25 11.27 0.78
C THR A 355 -1.28 10.41 0.04
N GLU A 356 -1.55 9.20 0.54
CA GLU A 356 -2.63 8.42 -0.07
C GLU A 356 -3.95 9.13 0.09
N ILE A 357 -4.23 9.66 1.28
CA ILE A 357 -5.47 10.42 1.49
C ILE A 357 -5.51 11.59 0.53
N LEU A 358 -4.40 12.32 0.40
CA LEU A 358 -4.36 13.48 -0.48
C LEU A 358 -4.61 13.10 -1.93
N GLY A 359 -3.99 12.01 -2.38
CA GLY A 359 -4.12 11.62 -3.79
C GLY A 359 -5.47 11.04 -4.14
N ILE A 360 -6.20 10.53 -3.13
CA ILE A 360 -7.53 9.99 -3.40
C ILE A 360 -8.50 11.06 -3.88
N LEU A 361 -8.17 12.34 -3.73
CA LEU A 361 -9.08 13.43 -4.07
C LEU A 361 -9.26 13.63 -5.57
N HIS A 362 -8.48 12.96 -6.41
CA HIS A 362 -8.62 13.14 -7.85
C HIS A 362 -9.98 12.71 -8.36
N SER A 363 -10.54 11.63 -7.82
CA SER A 363 -11.85 11.16 -8.25
C SER A 363 -12.93 12.21 -8.05
N CYS A 364 -12.80 13.07 -7.04
CA CYS A 364 -13.74 14.15 -6.81
C CYS A 364 -13.39 15.42 -7.57
N LEU A 365 -12.11 15.69 -7.77
CA LEU A 365 -11.70 16.94 -8.40
C LEU A 365 -11.70 16.88 -9.93
N ASN A 366 -11.72 15.67 -10.51
CA ASN A 366 -11.75 15.59 -11.98
C ASN A 366 -13.03 16.17 -12.57
N PRO A 367 -14.22 15.84 -12.08
CA PRO A 367 -15.44 16.40 -12.69
C PRO A 367 -15.46 17.91 -12.71
N LEU A 368 -14.96 18.57 -11.66
CA LEU A 368 -14.93 20.03 -11.64
C LEU A 368 -13.86 20.57 -12.58
N ILE A 369 -12.68 19.96 -12.58
CA ILE A 369 -11.56 20.51 -13.33
C ILE A 369 -11.78 20.34 -14.83
N TYR A 370 -12.24 19.17 -15.26
CA TYR A 370 -12.30 18.86 -16.68
C TYR A 370 -13.69 19.04 -17.30
N ALA A 371 -14.76 18.74 -16.57
CA ALA A 371 -16.09 18.70 -17.15
C ALA A 371 -16.89 19.97 -16.88
N PHE A 372 -17.01 20.39 -15.62
CA PHE A 372 -17.92 21.49 -15.29
C PHE A 372 -17.27 22.86 -15.43
N ILE A 373 -16.03 22.94 -15.91
CA ILE A 373 -15.37 24.23 -16.12
C ILE A 373 -15.65 24.71 -17.53
N GLY A 374 -16.49 24.00 -18.26
CA GLY A 374 -16.82 24.34 -19.63
C GLY A 374 -18.25 24.84 -19.75
N GLN A 375 -18.47 25.75 -20.72
CA GLN A 375 -19.80 26.31 -20.91
C GLN A 375 -20.80 25.24 -21.33
N LYS A 376 -20.38 24.31 -22.19
CA LYS A 376 -21.30 23.32 -22.72
C LYS A 376 -21.92 22.49 -21.61
N PHE A 377 -21.09 21.97 -20.69
CA PHE A 377 -21.59 21.12 -19.63
C PHE A 377 -22.49 21.90 -18.68
N ARG A 378 -22.12 23.14 -18.34
CA ARG A 378 -22.96 23.93 -17.46
C ARG A 378 -24.33 24.21 -18.09
N HIS A 379 -24.34 24.56 -19.38
CA HIS A 379 -25.61 24.77 -20.06
C HIS A 379 -26.43 23.48 -20.10
N GLY A 380 -25.78 22.35 -20.35
CA GLY A 380 -26.49 21.08 -20.34
C GLY A 380 -27.10 20.79 -18.99
N LEU A 381 -26.34 21.01 -17.92
CA LEU A 381 -26.86 20.77 -16.57
C LEU A 381 -28.06 21.66 -16.30
N LEU A 382 -27.98 22.93 -16.69
CA LEU A 382 -29.12 23.82 -16.50
C LEU A 382 -30.33 23.33 -17.28
N LYS A 383 -30.11 22.90 -18.53
CA LYS A 383 -31.23 22.47 -19.38
C LYS A 383 -31.90 21.22 -18.80
N ILE A 384 -31.10 20.26 -18.33
CA ILE A 384 -31.67 19.00 -17.85
C ILE A 384 -32.62 19.25 -16.70
N LEU A 385 -32.29 20.20 -15.82
CA LEU A 385 -33.12 20.47 -14.65
C LEU A 385 -34.43 21.15 -14.99
N ALA A 386 -34.72 21.37 -16.28
CA ALA A 386 -35.99 21.96 -16.69
C ALA A 386 -37.06 20.89 -16.79
N PRO B 6 -3.00 -3.24 18.23
CA PRO B 6 -2.82 -3.68 16.85
C PRO B 6 -3.31 -2.66 15.82
N ARG B 7 -2.36 -2.00 15.16
CA ARG B 7 -2.67 -1.00 14.16
C ARG B 7 -2.79 -1.64 12.79
N SER B 8 -2.86 -0.80 11.75
CA SER B 8 -2.88 -1.25 10.37
C SER B 8 -1.89 -0.42 9.57
N ALA B 9 -1.17 -1.10 8.67
CA ALA B 9 -0.18 -0.43 7.83
C ALA B 9 -0.16 -1.09 6.46
N LYS B 10 0.17 -0.28 5.45
CA LYS B 10 0.26 -0.77 4.08
C LYS B 10 1.69 -1.14 3.69
N GLU B 11 2.64 -1.01 4.60
CA GLU B 11 4.01 -1.46 4.36
C GLU B 11 4.43 -2.30 5.54
N LEU B 12 4.82 -3.56 5.28
CA LEU B 12 5.28 -4.47 6.31
C LEU B 12 6.80 -4.49 6.29
N ARG B 13 7.40 -4.33 7.48
CA ARG B 13 8.83 -4.19 7.60
C ARG B 13 9.36 -5.15 8.65
N CYS B 14 10.66 -5.43 8.56
CA CYS B 14 11.32 -6.26 9.55
C CYS B 14 11.32 -5.56 10.91
N GLN B 15 11.32 -6.36 11.97
CA GLN B 15 11.26 -5.83 13.32
C GLN B 15 12.63 -5.49 13.90
N CYS B 16 13.71 -5.83 13.21
CA CYS B 16 15.06 -5.55 13.70
C CYS B 16 15.86 -4.86 12.60
N ILE B 17 16.46 -3.72 12.94
CA ILE B 17 17.33 -3.02 12.00
C ILE B 17 18.72 -3.63 11.98
N LYS B 18 19.33 -3.79 13.14
CA LYS B 18 20.64 -4.43 13.27
C LYS B 18 20.52 -5.49 14.36
N THR B 19 21.63 -6.16 14.65
CA THR B 19 21.65 -7.24 15.63
C THR B 19 22.82 -7.07 16.57
N TYR B 20 22.64 -7.54 17.80
CA TYR B 20 23.71 -7.51 18.79
C TYR B 20 24.78 -8.52 18.41
N SER B 21 26.04 -8.14 18.62
CA SER B 21 27.16 -8.92 18.11
C SER B 21 28.06 -9.49 19.20
N LYS B 22 27.92 -9.03 20.45
CA LYS B 22 28.80 -9.47 21.52
C LYS B 22 28.20 -10.69 22.19
N PRO B 23 28.85 -11.86 22.13
CA PRO B 23 28.29 -13.04 22.80
C PRO B 23 28.12 -12.81 24.29
N PHE B 24 27.06 -13.39 24.85
CA PHE B 24 26.77 -13.26 26.28
C PHE B 24 26.15 -14.55 26.80
N HIS B 25 26.29 -14.75 28.11
CA HIS B 25 25.83 -15.98 28.74
C HIS B 25 24.30 -16.08 28.67
N PRO B 26 23.75 -17.28 28.47
CA PRO B 26 22.28 -17.42 28.39
C PRO B 26 21.55 -17.09 29.68
N LYS B 27 22.26 -16.93 30.80
CA LYS B 27 21.58 -16.69 32.07
C LYS B 27 20.81 -15.38 32.08
N PHE B 28 21.09 -14.49 31.14
CA PHE B 28 20.44 -13.18 31.10
C PHE B 28 19.16 -13.17 30.26
N ILE B 29 18.74 -14.32 29.75
CA ILE B 29 17.58 -14.42 28.87
C ILE B 29 16.41 -14.99 29.66
N LYS B 30 15.24 -14.38 29.48
CA LYS B 30 14.00 -14.83 30.14
C LYS B 30 12.89 -15.13 29.15
N GLU B 31 12.78 -14.36 28.07
CA GLU B 31 11.74 -14.54 27.07
C GLU B 31 12.37 -14.53 25.68
N LEU B 32 11.87 -15.40 24.80
CA LEU B 32 12.40 -15.55 23.46
C LEU B 32 11.26 -15.44 22.46
N ARG B 33 11.58 -14.99 21.25
CA ARG B 33 10.63 -14.92 20.17
C ARG B 33 11.35 -15.14 18.85
N VAL B 34 10.82 -16.03 18.02
CA VAL B 34 11.40 -16.36 16.73
C VAL B 34 10.33 -16.14 15.67
N ILE B 35 10.69 -15.43 14.61
CA ILE B 35 9.78 -15.10 13.53
C ILE B 35 10.38 -15.64 12.24
N GLU B 36 9.68 -16.58 11.61
CA GLU B 36 10.15 -17.15 10.35
C GLU B 36 10.05 -16.12 9.23
N SER B 37 10.99 -16.21 8.29
CA SER B 37 10.97 -15.30 7.15
C SER B 37 9.72 -15.51 6.31
N GLY B 38 9.21 -14.42 5.76
CA GLY B 38 8.00 -14.46 4.98
C GLY B 38 7.78 -13.17 4.21
N PRO B 39 6.53 -12.89 3.86
CA PRO B 39 6.24 -11.65 3.13
C PRO B 39 6.71 -10.41 3.86
N HIS B 40 6.64 -10.43 5.19
CA HIS B 40 7.02 -9.28 6.00
C HIS B 40 8.53 -9.01 5.97
N CYS B 41 9.36 -10.04 6.12
CA CYS B 41 10.79 -9.85 6.16
C CYS B 41 11.47 -10.98 5.40
N ALA B 42 12.66 -10.71 4.88
CA ALA B 42 13.41 -11.68 4.11
C ALA B 42 14.29 -12.58 4.97
N ASN B 43 14.44 -12.30 6.25
CA ASN B 43 15.29 -13.07 7.14
C ASN B 43 14.53 -13.45 8.40
N THR B 44 14.84 -14.63 8.92
CA THR B 44 14.33 -15.03 10.23
C THR B 44 14.83 -14.06 11.30
N GLU B 45 13.98 -13.79 12.29
CA GLU B 45 14.28 -12.81 13.31
C GLU B 45 14.19 -13.43 14.69
N ILE B 46 15.21 -13.19 15.51
CA ILE B 46 15.25 -13.69 16.88
C ILE B 46 15.34 -12.49 17.82
N ILE B 47 14.38 -12.38 18.73
CA ILE B 47 14.30 -11.27 19.67
C ILE B 47 14.22 -11.85 21.08
N VAL B 48 15.06 -11.35 21.98
CA VAL B 48 15.19 -11.89 23.33
C VAL B 48 15.06 -10.78 24.34
N LYS B 49 14.27 -11.03 25.39
CA LYS B 49 14.21 -10.13 26.53
C LYS B 49 15.39 -10.41 27.45
N LEU B 50 15.98 -9.35 28.00
CA LEU B 50 17.09 -9.50 28.93
C LEU B 50 16.56 -9.55 30.36
N SER B 51 17.47 -9.71 31.32
CA SER B 51 17.07 -9.83 32.72
C SER B 51 16.37 -8.57 33.22
N ASP B 52 16.85 -7.40 32.80
CA ASP B 52 16.33 -6.13 33.28
C ASP B 52 15.17 -5.61 32.44
N GLY B 53 14.70 -6.38 31.47
CA GLY B 53 13.57 -6.01 30.65
C GLY B 53 13.92 -5.45 29.28
N ARG B 54 15.18 -5.12 29.05
CA ARG B 54 15.58 -4.62 27.73
C ARG B 54 15.49 -5.73 26.69
N GLU B 55 15.10 -5.36 25.48
CA GLU B 55 14.96 -6.29 24.38
C GLU B 55 16.13 -6.17 23.41
N LEU B 56 16.53 -7.30 22.83
CA LEU B 56 17.66 -7.34 21.92
C LEU B 56 17.28 -8.18 20.70
N CYS B 57 17.93 -7.87 19.58
CA CYS B 57 17.78 -8.65 18.35
C CYS B 57 19.08 -9.40 18.09
N LEU B 58 18.99 -10.72 18.02
CA LEU B 58 20.15 -11.55 17.75
C LEU B 58 20.25 -11.88 16.27
N ASP B 59 21.41 -12.37 15.87
CA ASP B 59 21.65 -12.76 14.49
C ASP B 59 21.17 -14.19 14.29
N PRO B 60 20.17 -14.45 13.45
CA PRO B 60 19.67 -15.82 13.30
C PRO B 60 20.72 -16.80 12.80
N LYS B 61 21.68 -16.35 11.98
CA LYS B 61 22.62 -17.25 11.34
C LYS B 61 23.96 -17.36 12.07
N GLU B 62 24.25 -16.46 13.00
CA GLU B 62 25.53 -16.50 13.69
C GLU B 62 25.63 -17.76 14.55
N ASN B 63 26.86 -18.22 14.76
CA ASN B 63 27.08 -19.52 15.40
C ASN B 63 26.58 -19.51 16.85
N TRP B 64 27.01 -18.53 17.64
CA TRP B 64 26.73 -18.56 19.08
C TRP B 64 25.25 -18.40 19.37
N VAL B 65 24.52 -17.75 18.48
CA VAL B 65 23.09 -17.50 18.72
C VAL B 65 22.32 -18.81 18.82
N GLN B 66 22.62 -19.75 17.92
CA GLN B 66 21.95 -21.05 17.97
C GLN B 66 22.22 -21.75 19.30
N ARG B 67 23.48 -21.74 19.74
CA ARG B 67 23.83 -22.36 21.01
C ARG B 67 23.06 -21.72 22.15
N VAL B 68 23.01 -20.39 22.18
CA VAL B 68 22.35 -19.69 23.28
C VAL B 68 20.86 -20.01 23.29
N VAL B 69 20.21 -19.98 22.12
CA VAL B 69 18.79 -20.24 22.04
C VAL B 69 18.51 -21.67 22.50
N GLU B 70 19.33 -22.62 22.05
CA GLU B 70 19.12 -24.01 22.43
C GLU B 70 19.28 -24.19 23.94
N LYS B 71 20.31 -23.58 24.53
CA LYS B 71 20.51 -23.69 25.96
C LYS B 71 19.34 -23.09 26.74
N PHE B 72 18.88 -21.91 26.31
CA PHE B 72 17.76 -21.27 27.00
C PHE B 72 16.52 -22.16 26.95
N LEU B 73 16.19 -22.67 25.76
CA LEU B 73 15.00 -23.49 25.62
C LEU B 73 15.13 -24.78 26.43
N LYS B 74 16.31 -25.38 26.42
CA LYS B 74 16.51 -26.61 27.20
C LYS B 74 16.30 -26.33 28.69
N ARG B 75 16.90 -25.25 29.20
CA ARG B 75 16.77 -24.96 30.63
C ARG B 75 15.31 -24.65 30.99
N ALA B 76 14.64 -23.86 30.16
CA ALA B 76 13.24 -23.53 30.43
C ALA B 76 12.36 -24.76 30.38
N GLU B 77 12.60 -25.65 29.42
CA GLU B 77 11.77 -26.84 29.27
C GLU B 77 11.84 -27.76 30.48
N ASN B 78 12.90 -27.69 31.27
CA ASN B 78 13.01 -28.53 32.46
C ASN B 78 11.95 -28.14 33.49
N CYS C 14 -0.38 -13.50 33.64
CA CYS C 14 -0.05 -14.47 32.61
C CYS C 14 -0.70 -14.11 31.28
N GLN C 15 -0.39 -14.89 30.25
CA GLN C 15 -0.91 -14.64 28.90
C GLN C 15 -1.57 -15.86 28.29
N CYS C 16 -1.62 -16.99 29.00
CA CYS C 16 -2.25 -18.20 28.49
C CYS C 16 -3.16 -18.78 29.57
N ILE C 17 -4.23 -19.44 29.12
CA ILE C 17 -5.21 -20.03 30.02
C ILE C 17 -5.31 -21.52 29.73
N LYS C 18 -5.64 -21.88 28.50
CA LYS C 18 -5.82 -23.27 28.09
C LYS C 18 -4.98 -23.54 26.85
N THR C 19 -4.67 -24.82 26.64
CA THR C 19 -3.80 -25.25 25.54
C THR C 19 -4.54 -26.25 24.67
N TYR C 20 -4.33 -26.15 23.36
CA TYR C 20 -4.93 -27.09 22.42
C TYR C 20 -4.44 -28.50 22.70
N SER C 21 -5.34 -29.47 22.61
CA SER C 21 -5.03 -30.87 22.87
C SER C 21 -5.01 -31.70 21.60
N LYS C 22 -5.01 -31.07 20.44
CA LYS C 22 -4.97 -31.77 19.15
C LYS C 22 -3.67 -31.44 18.44
N PRO C 23 -2.73 -32.38 18.32
CA PRO C 23 -1.47 -32.07 17.61
C PRO C 23 -1.74 -31.65 16.18
N PHE C 24 -0.92 -30.72 15.70
CA PHE C 24 -1.05 -30.18 14.35
C PHE C 24 0.33 -30.14 13.71
N HIS C 25 0.35 -30.16 12.38
CA HIS C 25 1.61 -30.20 11.65
C HIS C 25 2.38 -28.90 11.87
N PRO C 26 3.69 -28.97 12.10
CA PRO C 26 4.45 -27.73 12.34
C PRO C 26 4.46 -26.77 11.17
N LYS C 27 4.13 -27.24 9.96
CA LYS C 27 4.22 -26.40 8.77
C LYS C 27 3.36 -25.15 8.84
N PHE C 28 2.33 -25.13 9.69
CA PHE C 28 1.47 -23.98 9.84
C PHE C 28 2.00 -22.96 10.85
N ILE C 29 3.05 -23.30 11.60
CA ILE C 29 3.57 -22.43 12.64
C ILE C 29 4.42 -21.36 11.96
N LYS C 30 4.00 -20.10 12.09
CA LYS C 30 4.76 -18.98 11.54
C LYS C 30 5.65 -18.34 12.60
N GLU C 31 5.08 -17.98 13.76
CA GLU C 31 5.83 -17.32 14.82
C GLU C 31 5.75 -18.11 16.11
N LEU C 32 6.83 -18.05 16.88
CA LEU C 32 6.94 -18.76 18.15
C LEU C 32 7.39 -17.78 19.22
N ARG C 33 6.92 -18.02 20.45
CA ARG C 33 7.29 -17.20 21.60
C ARG C 33 7.31 -18.09 22.83
N VAL C 34 8.35 -17.94 23.66
CA VAL C 34 8.52 -18.75 24.85
C VAL C 34 8.75 -17.80 26.03
N ILE C 35 8.00 -17.99 27.11
CA ILE C 35 8.14 -17.20 28.32
C ILE C 35 8.38 -18.16 29.48
N GLU C 36 9.53 -18.02 30.12
CA GLU C 36 9.90 -18.90 31.22
C GLU C 36 9.09 -18.55 32.47
N SER C 37 8.91 -19.55 33.32
CA SER C 37 8.20 -19.33 34.57
C SER C 37 9.04 -18.48 35.52
N GLY C 38 8.37 -17.82 36.45
CA GLY C 38 9.03 -16.94 37.39
C GLY C 38 8.05 -16.30 38.35
N PRO C 39 8.34 -15.09 38.80
CA PRO C 39 7.40 -14.38 39.68
C PRO C 39 6.03 -14.19 39.04
N HIS C 40 6.01 -14.06 37.70
CA HIS C 40 4.77 -13.75 37.01
C HIS C 40 3.82 -14.94 36.98
N CYS C 41 4.32 -16.14 36.70
CA CYS C 41 3.46 -17.32 36.56
C CYS C 41 4.20 -18.52 37.16
N ALA C 42 3.67 -19.71 36.92
CA ALA C 42 4.21 -20.94 37.49
C ALA C 42 4.78 -21.86 36.43
N ASN C 43 4.08 -22.07 35.32
CA ASN C 43 4.51 -22.97 34.27
C ASN C 43 4.93 -22.16 33.04
N THR C 44 6.04 -22.57 32.41
CA THR C 44 6.51 -21.91 31.21
C THR C 44 5.42 -21.94 30.14
N GLU C 45 5.27 -20.82 29.44
CA GLU C 45 4.22 -20.66 28.44
C GLU C 45 4.84 -20.57 27.05
N ILE C 46 4.16 -21.20 26.09
CA ILE C 46 4.59 -21.20 24.69
C ILE C 46 3.41 -20.73 23.85
N ILE C 47 3.61 -19.67 23.09
CA ILE C 47 2.57 -19.07 22.26
C ILE C 47 3.00 -19.17 20.81
N VAL C 48 2.15 -19.74 19.97
CA VAL C 48 2.45 -19.96 18.56
C VAL C 48 1.40 -19.25 17.72
N LYS C 49 1.87 -18.48 16.74
CA LYS C 49 1.02 -17.82 15.76
C LYS C 49 1.13 -18.59 14.45
N LEU C 50 0.00 -19.09 13.97
CA LEU C 50 -0.06 -19.96 12.80
C LEU C 50 -0.29 -19.16 11.54
N SER C 51 -0.28 -19.87 10.40
CA SER C 51 -0.46 -19.22 9.11
C SER C 51 -1.85 -18.62 8.94
N ASP C 52 -2.86 -19.18 9.61
CA ASP C 52 -4.23 -18.73 9.45
C ASP C 52 -4.62 -17.61 10.41
N GLY C 53 -3.69 -17.14 11.23
CA GLY C 53 -3.92 -16.04 12.13
C GLY C 53 -4.26 -16.43 13.56
N ARG C 54 -4.56 -17.70 13.80
CA ARG C 54 -4.89 -18.15 15.14
C ARG C 54 -3.68 -18.08 16.05
N GLU C 55 -3.94 -17.84 17.33
CA GLU C 55 -2.92 -17.89 18.38
C GLU C 55 -3.23 -19.04 19.32
N LEU C 56 -2.25 -19.93 19.50
CA LEU C 56 -2.44 -21.11 20.34
C LEU C 56 -1.40 -21.12 21.45
N CYS C 57 -1.83 -21.59 22.61
CA CYS C 57 -0.95 -21.81 23.74
C CYS C 57 -0.68 -23.31 23.87
N LEU C 58 0.60 -23.68 24.00
CA LEU C 58 1.00 -25.07 24.03
C LEU C 58 1.64 -25.41 25.37
N ASP C 59 1.29 -26.58 25.90
CA ASP C 59 1.86 -27.05 27.15
C ASP C 59 3.26 -27.57 26.90
N PRO C 60 4.28 -27.01 27.56
CA PRO C 60 5.66 -27.51 27.31
C PRO C 60 5.86 -28.95 27.71
N LYS C 61 5.03 -29.51 28.59
CA LYS C 61 5.23 -30.86 29.07
C LYS C 61 4.76 -31.94 28.11
N GLU C 62 4.06 -31.56 27.04
CA GLU C 62 3.56 -32.54 26.08
C GLU C 62 4.62 -32.86 25.05
N ASN C 63 4.77 -34.15 24.74
CA ASN C 63 5.84 -34.58 23.82
C ASN C 63 5.66 -33.97 22.44
N TRP C 64 4.42 -33.97 21.93
CA TRP C 64 4.19 -33.45 20.59
C TRP C 64 4.53 -31.97 20.51
N VAL C 65 4.22 -31.21 21.57
CA VAL C 65 4.60 -29.80 21.59
C VAL C 65 6.11 -29.65 21.50
N GLN C 66 6.84 -30.46 22.27
CA GLN C 66 8.29 -30.38 22.27
C GLN C 66 8.86 -30.69 20.89
N ARG C 67 8.34 -31.73 20.24
CA ARG C 67 8.83 -32.07 18.91
C ARG C 67 8.50 -30.97 17.90
N VAL C 68 7.30 -30.40 17.99
CA VAL C 68 6.90 -29.35 17.05
C VAL C 68 7.79 -28.13 17.20
N VAL C 69 8.10 -27.76 18.45
CA VAL C 69 8.96 -26.60 18.67
C VAL C 69 10.32 -26.82 18.03
N GLU C 70 10.91 -28.00 18.23
CA GLU C 70 12.22 -28.28 17.64
C GLU C 70 12.16 -28.27 16.12
N LYS C 71 11.10 -28.84 15.54
CA LYS C 71 10.96 -28.85 14.10
C LYS C 71 10.88 -27.42 13.55
N PHE C 72 10.07 -26.58 14.19
CA PHE C 72 9.95 -25.20 13.76
C PHE C 72 11.28 -24.48 13.88
N LEU C 73 12.00 -24.70 14.98
CA LEU C 73 13.29 -24.06 15.17
C LEU C 73 14.26 -24.46 14.07
N LYS C 74 14.31 -25.75 13.75
CA LYS C 74 15.22 -26.20 12.70
C LYS C 74 14.84 -25.60 11.34
N ARG C 75 13.54 -25.55 11.04
CA ARG C 75 13.13 -24.96 9.76
C ARG C 75 13.49 -23.48 9.69
N ALA C 76 13.29 -22.76 10.79
CA ALA C 76 13.52 -21.32 10.79
C ALA C 76 14.99 -20.97 10.60
N GLU C 77 15.90 -21.91 10.90
CA GLU C 77 17.33 -21.63 10.79
C GLU C 77 17.82 -21.62 9.34
N ASN C 78 17.01 -22.05 8.39
CA ASN C 78 17.40 -22.05 6.99
C ASN C 78 17.49 -20.62 6.46
#